data_7MGT
#
_entry.id   7MGT
#
_cell.length_a   116.483
_cell.length_b   47.106
_cell.length_c   57.472
_cell.angle_alpha   90.000
_cell.angle_beta   102.298
_cell.angle_gamma   90.000
#
_symmetry.space_group_name_H-M   'C 1 2 1'
#
loop_
_entity.id
_entity.type
_entity.pdbx_description
1 polymer 'FAD:protein FMN transferase'
2 non-polymer 'MAGNESIUM ION'
3 non-polymer "2-chloroadenosine 5'-(trihydrogen diphosphate)"
4 non-polymer 1,2-ETHANEDIOL
5 water water
#
_entity_poly.entity_id   1
_entity_poly.type   'polypeptide(L)'
_entity_poly.pdbx_seq_one_letter_code
;MSYYHHHHHHDYDIPTTENLYFQGAMDPEFGGRARVREYSRAELVIGTLCRVRVYSKRPAAEVHAALEEVFTLLQQQEMV
LSANRDDSALAALNAQAGSAPVVVDRSLYALLERALFFAEKSGGTFNPALGAVVKLWNIGFDRAAVPDPDALKEALTRCD
FRQVHLRAGVSVGAPHTVQLAQAGMQLDLGAIAKGFLADKIVQLLTAHALDSALVDLGGNIFALGLKYGDVRSAAAQRLE
WNVGIRDPHGTGQKPALVVSVRDCSVVTSGAYERFFERDGVRYHHIIDPVTGFPAHTDVDSVSIFAPRSTDADALATACF
VLGYEKSCALLREFPGVDALFIFPDKRVRASAGIVDRVRVLDARFVLER
;
_entity_poly.pdbx_strand_id   A
#
loop_
_chem_comp.id
_chem_comp.type
_chem_comp.name
_chem_comp.formula
EDO non-polymer 1,2-ETHANEDIOL 'C2 H6 O2'
MG non-polymer 'MAGNESIUM ION' 'Mg 2'
ZD4 non-polymer '2-chloroadenosine 5'-(trihydrogen diphosphate)' 'C10 H14 Cl N5 O10 P2'
#
# COMPACT_ATOMS: atom_id res chain seq x y z
N ALA A 34 -36.32 -5.29 -7.28
CA ALA A 34 -35.04 -4.70 -7.64
C ALA A 34 -34.00 -5.78 -7.95
N ARG A 35 -33.42 -5.69 -9.15
CA ARG A 35 -32.48 -6.70 -9.61
C ARG A 35 -31.04 -6.29 -9.29
N VAL A 36 -30.22 -7.30 -9.01
CA VAL A 36 -28.80 -7.08 -8.78
C VAL A 36 -28.11 -6.92 -10.12
N ARG A 37 -27.26 -5.91 -10.23
CA ARG A 37 -26.48 -5.66 -11.42
C ARG A 37 -25.02 -5.55 -11.01
N GLU A 38 -24.15 -5.94 -11.93
CA GLU A 38 -22.72 -5.90 -11.73
C GLU A 38 -22.11 -4.86 -12.65
N TYR A 39 -21.23 -4.03 -12.11
CA TYR A 39 -20.63 -2.93 -12.83
C TYR A 39 -19.13 -2.96 -12.59
N SER A 40 -18.36 -2.50 -13.58
N SER A 40 -18.36 -2.52 -13.59
CA SER A 40 -16.94 -2.30 -13.37
CA SER A 40 -16.94 -2.30 -13.37
C SER A 40 -16.48 -1.12 -14.22
C SER A 40 -16.49 -1.11 -14.21
N ARG A 41 -15.41 -0.48 -13.77
CA ARG A 41 -14.78 0.62 -14.47
C ARG A 41 -13.30 0.57 -14.15
N ALA A 42 -12.47 0.87 -15.15
CA ALA A 42 -11.03 0.82 -14.96
C ALA A 42 -10.37 1.90 -15.80
N GLU A 43 -9.30 2.47 -15.24
CA GLU A 43 -8.56 3.52 -15.90
C GLU A 43 -7.10 3.42 -15.48
N LEU A 44 -6.23 3.95 -16.33
CA LEU A 44 -4.84 4.19 -15.95
C LEU A 44 -4.77 5.50 -15.16
N VAL A 45 -4.32 5.41 -13.90
CA VAL A 45 -4.24 6.56 -13.01
C VAL A 45 -3.39 6.15 -11.83
N ILE A 46 -2.84 7.14 -11.12
CA ILE A 46 -1.79 6.98 -10.12
C ILE A 46 -0.75 5.98 -10.58
N GLY A 47 -0.40 6.03 -11.87
CA GLY A 47 0.70 5.27 -12.41
C GLY A 47 0.43 3.79 -12.62
N THR A 48 -0.82 3.35 -12.59
CA THR A 48 -1.11 1.93 -12.68
C THR A 48 -2.56 1.75 -13.11
N LEU A 49 -2.95 0.49 -13.28
CA LEU A 49 -4.31 0.17 -13.68
C LEU A 49 -5.16 0.05 -12.42
N CYS A 50 -6.21 0.87 -12.34
CA CYS A 50 -7.13 0.88 -11.21
C CYS A 50 -8.51 0.48 -11.70
N ARG A 51 -9.09 -0.53 -11.05
CA ARG A 51 -10.37 -1.07 -11.43
C ARG A 51 -11.24 -1.18 -10.18
N VAL A 52 -12.51 -0.84 -10.33
CA VAL A 52 -13.49 -1.07 -9.27
C VAL A 52 -14.66 -1.83 -9.86
N ARG A 53 -15.08 -2.88 -9.15
CA ARG A 53 -16.20 -3.74 -9.51
C ARG A 53 -17.21 -3.60 -8.38
N VAL A 54 -18.48 -3.43 -8.75
CA VAL A 54 -19.56 -3.19 -7.81
C VAL A 54 -20.73 -4.11 -8.14
N TYR A 55 -21.33 -4.69 -7.11
CA TYR A 55 -22.66 -5.30 -7.21
C TYR A 55 -23.65 -4.41 -6.48
N SER A 56 -24.78 -4.11 -7.11
CA SER A 56 -25.76 -3.24 -6.46
C SER A 56 -27.15 -3.44 -7.04
N LYS A 57 -28.15 -3.25 -6.18
CA LYS A 57 -29.54 -3.13 -6.60
C LYS A 57 -30.00 -1.69 -6.72
N ARG A 58 -29.13 -0.72 -6.42
CA ARG A 58 -29.48 0.68 -6.57
C ARG A 58 -29.66 1.04 -8.04
N PRO A 59 -30.36 2.14 -8.32
CA PRO A 59 -30.46 2.59 -9.72
C PRO A 59 -29.08 2.73 -10.34
N ALA A 60 -28.98 2.30 -11.61
CA ALA A 60 -27.70 2.32 -12.30
C ALA A 60 -27.09 3.72 -12.31
N ALA A 61 -27.92 4.75 -12.46
CA ALA A 61 -27.40 6.12 -12.47
C ALA A 61 -26.66 6.45 -11.18
N GLU A 62 -27.10 5.88 -10.06
CA GLU A 62 -26.43 6.11 -8.78
C GLU A 62 -25.08 5.40 -8.74
N VAL A 63 -25.00 4.20 -9.31
CA VAL A 63 -23.74 3.48 -9.33
C VAL A 63 -22.76 4.19 -10.24
N HIS A 64 -23.24 4.61 -11.41
CA HIS A 64 -22.40 5.34 -12.35
C HIS A 64 -21.83 6.60 -11.72
N ALA A 65 -22.66 7.33 -10.96
CA ALA A 65 -22.16 8.54 -10.30
C ALA A 65 -21.07 8.22 -9.29
N ALA A 66 -21.25 7.15 -8.53
CA ALA A 66 -20.23 6.76 -7.57
C ALA A 66 -18.91 6.41 -8.25
N LEU A 67 -18.98 5.65 -9.35
CA LEU A 67 -17.75 5.27 -10.06
C LEU A 67 -17.08 6.49 -10.70
N GLU A 68 -17.88 7.42 -11.23
CA GLU A 68 -17.34 8.69 -11.70
C GLU A 68 -16.52 9.36 -10.60
N GLU A 69 -17.07 9.39 -9.40
CA GLU A 69 -16.38 10.06 -8.29
C GLU A 69 -15.16 9.28 -7.83
N VAL A 70 -15.18 7.94 -7.94
CA VAL A 70 -13.99 7.17 -7.61
C VAL A 70 -12.82 7.62 -8.47
N PHE A 71 -13.05 7.74 -9.77
CA PHE A 71 -11.94 7.98 -10.68
C PHE A 71 -11.57 9.46 -10.70
N THR A 72 -12.53 10.35 -10.42
CA THR A 72 -12.17 11.74 -10.13
C THR A 72 -11.28 11.84 -8.88
N LEU A 73 -11.64 11.11 -7.83
CA LEU A 73 -10.82 11.09 -6.61
C LEU A 73 -9.39 10.64 -6.91
N LEU A 74 -9.26 9.56 -7.68
CA LEU A 74 -7.93 9.05 -7.98
C LEU A 74 -7.10 10.07 -8.77
N GLN A 75 -7.74 10.76 -9.72
CA GLN A 75 -7.04 11.81 -10.46
C GLN A 75 -6.60 12.94 -9.54
N GLN A 76 -7.50 13.40 -8.67
CA GLN A 76 -7.14 14.48 -7.77
C GLN A 76 -6.01 14.07 -6.82
N GLN A 77 -6.09 12.86 -6.29
CA GLN A 77 -5.10 12.42 -5.30
C GLN A 77 -3.75 12.11 -5.96
N GLU A 78 -3.73 11.75 -7.24
CA GLU A 78 -2.44 11.69 -7.93
C GLU A 78 -1.70 13.01 -7.78
N MET A 79 -2.43 14.12 -7.88
CA MET A 79 -1.84 15.44 -7.80
C MET A 79 -1.47 15.86 -6.38
N VAL A 80 -1.98 15.17 -5.37
CA VAL A 80 -1.57 15.42 -4.00
C VAL A 80 -0.38 14.56 -3.60
N LEU A 81 -0.43 13.27 -3.92
CA LEU A 81 0.45 12.31 -3.27
C LEU A 81 1.65 11.86 -4.11
N SER A 82 1.67 12.11 -5.41
CA SER A 82 2.67 11.45 -6.24
C SER A 82 4.08 11.95 -5.96
N ALA A 83 5.01 11.01 -5.76
CA ALA A 83 6.41 11.32 -5.60
C ALA A 83 7.17 11.35 -6.92
N ASN A 84 6.52 11.04 -8.04
CA ASN A 84 7.22 11.02 -9.33
C ASN A 84 6.62 12.01 -10.32
N ARG A 85 5.91 13.01 -9.82
CA ARG A 85 5.50 14.18 -10.62
C ARG A 85 6.05 15.43 -9.95
N ASP A 86 6.48 16.40 -10.76
CA ASP A 86 7.05 17.63 -10.21
C ASP A 86 6.00 18.59 -9.65
N ASP A 87 4.72 18.35 -9.92
CA ASP A 87 3.68 19.35 -9.68
C ASP A 87 2.66 18.87 -8.65
N SER A 88 3.00 17.87 -7.87
CA SER A 88 2.12 17.41 -6.81
C SER A 88 2.36 18.21 -5.53
N ALA A 89 1.38 18.13 -4.62
CA ALA A 89 1.55 18.73 -3.30
C ALA A 89 2.73 18.11 -2.57
N LEU A 90 2.95 16.82 -2.72
CA LEU A 90 4.09 16.18 -2.07
C LEU A 90 5.39 16.75 -2.61
N ALA A 91 5.48 16.96 -3.93
CA ALA A 91 6.69 17.55 -4.50
C ALA A 91 6.90 18.95 -3.94
N ALA A 92 5.82 19.73 -3.81
CA ALA A 92 5.93 21.07 -3.22
C ALA A 92 6.46 21.00 -1.79
N LEU A 93 5.97 20.03 -1.02
CA LEU A 93 6.43 19.85 0.36
C LEU A 93 7.91 19.52 0.40
N ASN A 94 8.35 18.58 -0.46
CA ASN A 94 9.74 18.19 -0.50
C ASN A 94 10.63 19.35 -0.91
N ALA A 95 10.12 20.25 -1.74
CA ALA A 95 10.89 21.42 -2.15
C ALA A 95 11.19 22.33 -0.97
N GLN A 96 10.41 22.26 0.10
CA GLN A 96 10.58 23.07 1.28
C GLN A 96 11.37 22.38 2.38
N ALA A 97 12.01 21.25 2.08
CA ALA A 97 12.83 20.57 3.07
C ALA A 97 13.87 21.55 3.61
N GLY A 98 13.98 21.61 4.94
CA GLY A 98 14.91 22.49 5.59
C GLY A 98 14.38 23.88 5.87
N SER A 99 13.16 24.19 5.45
CA SER A 99 12.59 25.51 5.60
C SER A 99 11.42 25.44 6.59
N ALA A 100 10.45 26.33 6.42
CA ALA A 100 9.39 26.54 7.39
C ALA A 100 8.30 25.48 7.25
N PRO A 101 7.44 25.35 8.26
CA PRO A 101 6.32 24.39 8.13
C PRO A 101 5.43 24.74 6.96
N VAL A 102 4.82 23.72 6.38
CA VAL A 102 3.96 23.84 5.21
C VAL A 102 2.54 23.40 5.59
N VAL A 103 1.54 24.19 5.20
CA VAL A 103 0.15 23.82 5.43
C VAL A 103 -0.25 22.72 4.44
N VAL A 104 -0.90 21.68 4.96
CA VAL A 104 -1.40 20.56 4.15
C VAL A 104 -2.85 20.32 4.52
N ASP A 105 -3.56 19.63 3.62
CA ASP A 105 -4.94 19.29 3.96
C ASP A 105 -4.96 18.14 4.96
N ARG A 106 -6.09 18.01 5.65
CA ARG A 106 -6.19 17.06 6.75
C ARG A 106 -5.99 15.62 6.28
N SER A 107 -6.36 15.33 5.03
CA SER A 107 -6.19 14.00 4.49
C SER A 107 -4.72 13.63 4.38
N LEU A 108 -3.92 14.50 3.77
CA LEU A 108 -2.48 14.26 3.66
C LEU A 108 -1.83 14.20 5.04
N TYR A 109 -2.25 15.08 5.94
CA TYR A 109 -1.71 15.04 7.29
C TYR A 109 -1.98 13.69 7.94
N ALA A 110 -3.19 13.18 7.80
CA ALA A 110 -3.55 11.91 8.43
C ALA A 110 -2.73 10.77 7.83
N LEU A 111 -2.48 10.81 6.52
CA LEU A 111 -1.66 9.78 5.91
C LEU A 111 -0.25 9.81 6.46
N LEU A 112 0.33 11.00 6.55
CA LEU A 112 1.67 11.14 7.11
C LEU A 112 1.72 10.66 8.56
N GLU A 113 0.71 11.02 9.35
CA GLU A 113 0.63 10.53 10.72
C GLU A 113 0.73 9.01 10.77
N ARG A 114 -0.05 8.33 9.91
CA ARG A 114 -0.07 6.88 9.94
C ARG A 114 1.24 6.30 9.44
N ALA A 115 1.82 6.93 8.43
CA ALA A 115 3.12 6.49 7.90
C ALA A 115 4.20 6.58 8.97
N LEU A 116 4.21 7.69 9.73
CA LEU A 116 5.21 7.80 10.78
C LEU A 116 4.96 6.80 11.90
N PHE A 117 3.71 6.49 12.19
CA PHE A 117 3.37 5.44 13.15
C PHE A 117 3.99 4.12 12.73
N PHE A 118 3.83 3.73 11.46
CA PHE A 118 4.41 2.46 11.03
C PHE A 118 5.93 2.52 10.94
N ALA A 119 6.50 3.68 10.62
CA ALA A 119 7.95 3.81 10.67
C ALA A 119 8.46 3.49 12.07
N GLU A 120 7.80 4.05 13.09
CA GLU A 120 8.24 3.80 14.46
C GLU A 120 8.01 2.34 14.84
N LYS A 121 6.81 1.82 14.58
CA LYS A 121 6.51 0.46 15.02
C LYS A 121 7.37 -0.57 14.29
N SER A 122 7.77 -0.28 13.06
CA SER A 122 8.55 -1.24 12.27
C SER A 122 10.04 -1.09 12.49
N GLY A 123 10.46 -0.21 13.39
CA GLY A 123 11.88 0.00 13.59
C GLY A 123 12.55 0.60 12.38
N GLY A 124 11.82 1.40 11.60
CA GLY A 124 12.38 2.08 10.46
C GLY A 124 12.54 1.23 9.22
N THR A 125 12.04 0.00 9.21
CA THR A 125 12.13 -0.81 7.99
C THR A 125 11.13 -0.34 6.95
N PHE A 126 10.00 0.19 7.41
CA PHE A 126 9.11 1.06 6.64
C PHE A 126 9.55 2.48 6.93
N ASN A 127 9.92 3.23 5.90
CA ASN A 127 10.42 4.59 6.11
C ASN A 127 9.86 5.50 5.02
N PRO A 128 8.92 6.39 5.37
CA PRO A 128 8.32 7.26 4.34
C PRO A 128 9.18 8.45 3.97
N ALA A 129 10.36 8.60 4.58
CA ALA A 129 11.31 9.65 4.26
C ALA A 129 12.50 9.10 3.48
N LEU A 130 12.27 8.08 2.66
CA LEU A 130 13.35 7.41 1.96
C LEU A 130 13.58 7.95 0.55
N GLY A 131 12.92 9.06 0.19
CA GLY A 131 12.98 9.52 -1.18
C GLY A 131 14.38 9.82 -1.68
N ALA A 132 15.26 10.32 -0.80
CA ALA A 132 16.62 10.62 -1.24
C ALA A 132 17.28 9.37 -1.83
N VAL A 133 17.02 8.22 -1.24
CA VAL A 133 17.59 6.96 -1.70
C VAL A 133 16.79 6.39 -2.86
N VAL A 134 15.47 6.40 -2.74
CA VAL A 134 14.64 5.83 -3.80
C VAL A 134 14.92 6.55 -5.12
N LYS A 135 15.00 7.88 -5.07
CA LYS A 135 15.20 8.65 -6.30
C LYS A 135 16.52 8.32 -6.97
N LEU A 136 17.54 7.93 -6.21
CA LEU A 136 18.79 7.49 -6.83
C LEU A 136 18.60 6.17 -7.56
N TRP A 137 17.86 5.24 -6.93
CA TRP A 137 17.59 3.97 -7.60
C TRP A 137 16.57 4.13 -8.72
N ASN A 138 15.66 5.10 -8.61
CA ASN A 138 14.70 5.37 -9.68
C ASN A 138 15.47 5.80 -10.93
N VAL A 146 22.92 0.90 -11.25
CA VAL A 146 23.17 0.95 -9.81
C VAL A 146 23.82 2.27 -9.39
N PRO A 147 23.20 2.94 -8.41
CA PRO A 147 23.77 4.20 -7.90
C PRO A 147 25.14 4.04 -7.25
N ASP A 148 25.92 5.14 -7.30
CA ASP A 148 27.29 5.15 -6.78
C ASP A 148 27.30 4.95 -5.26
N PRO A 149 28.34 4.29 -4.71
CA PRO A 149 28.32 3.98 -3.27
C PRO A 149 28.37 5.20 -2.37
N ASP A 150 29.21 6.18 -2.70
CA ASP A 150 29.27 7.42 -1.92
C ASP A 150 27.98 8.22 -2.08
N ALA A 151 27.60 8.51 -3.33
CA ALA A 151 26.30 9.09 -3.64
C ALA A 151 25.20 8.42 -2.82
N LEU A 152 25.33 7.11 -2.63
CA LEU A 152 24.33 6.35 -1.87
C LEU A 152 24.49 6.55 -0.36
N LYS A 153 25.71 6.51 0.15
CA LYS A 153 25.90 6.78 1.56
C LYS A 153 25.46 8.19 1.90
N GLU A 154 25.65 9.14 0.98
CA GLU A 154 25.22 10.50 1.24
C GLU A 154 23.69 10.55 1.35
N ALA A 155 23.00 9.89 0.44
CA ALA A 155 21.54 9.93 0.45
C ALA A 155 20.99 9.36 1.75
N LEU A 156 21.64 8.32 2.29
CA LEU A 156 21.17 7.71 3.52
C LEU A 156 21.22 8.65 4.71
N THR A 157 22.01 9.73 4.62
CA THR A 157 22.05 10.69 5.72
C THR A 157 20.87 11.64 5.70
N ARG A 158 19.99 11.54 4.71
CA ARG A 158 18.88 12.45 4.55
C ARG A 158 17.54 11.70 4.59
N CYS A 159 17.46 10.63 5.38
CA CYS A 159 16.25 9.81 5.43
C CYS A 159 15.74 9.59 6.84
N ASP A 160 16.00 10.52 7.76
CA ASP A 160 15.58 10.33 9.15
C ASP A 160 14.14 10.77 9.30
N PHE A 161 13.21 9.80 9.31
CA PHE A 161 11.79 10.15 9.44
C PHE A 161 11.45 10.81 10.78
N ARG A 162 12.35 10.72 11.77
CA ARG A 162 12.11 11.43 13.02
C ARG A 162 12.27 12.93 12.88
N GLN A 163 12.75 13.39 11.72
CA GLN A 163 12.86 14.81 11.41
C GLN A 163 11.67 15.32 10.61
N VAL A 164 10.63 14.51 10.45
CA VAL A 164 9.36 14.96 9.90
C VAL A 164 8.48 15.38 11.07
N HIS A 165 8.21 16.67 11.19
CA HIS A 165 7.46 17.20 12.32
C HIS A 165 6.05 17.57 11.86
N LEU A 166 5.06 16.86 12.40
CA LEU A 166 3.65 17.13 12.15
C LEU A 166 3.10 17.93 13.32
N ARG A 167 2.46 19.05 13.01
CA ARG A 167 1.86 19.88 14.04
C ARG A 167 0.49 20.34 13.59
N ALA A 168 -0.47 20.28 14.51
CA ALA A 168 -1.83 20.69 14.21
C ALA A 168 -2.42 21.30 15.45
N GLY A 169 -2.73 22.59 15.38
CA GLY A 169 -3.32 23.26 16.53
C GLY A 169 -4.67 22.68 16.90
N VAL A 170 -5.06 22.92 18.15
CA VAL A 170 -6.27 22.31 18.69
C VAL A 170 -7.48 23.24 18.61
N SER A 171 -7.29 24.49 18.20
CA SER A 171 -8.43 25.38 18.16
C SER A 171 -9.19 25.26 16.84
N VAL A 172 -10.38 25.85 16.81
CA VAL A 172 -11.29 25.69 15.68
C VAL A 172 -10.62 26.18 14.40
N GLY A 173 -10.66 25.32 13.37
CA GLY A 173 -10.12 25.69 12.08
C GLY A 173 -8.62 25.81 12.02
N ALA A 174 -7.89 25.34 13.02
CA ALA A 174 -6.44 25.49 13.01
C ALA A 174 -5.83 24.67 11.89
N PRO A 175 -4.79 25.19 11.23
CA PRO A 175 -4.20 24.45 10.11
C PRO A 175 -3.39 23.24 10.56
N HIS A 176 -3.25 22.31 9.62
CA HIS A 176 -2.36 21.17 9.76
C HIS A 176 -1.08 21.50 9.01
N THR A 177 0.08 21.27 9.65
CA THR A 177 1.35 21.61 9.02
C THR A 177 2.36 20.46 9.12
N VAL A 178 3.28 20.48 8.17
CA VAL A 178 4.35 19.51 8.05
C VAL A 178 5.65 20.28 7.86
N GLN A 179 6.68 19.93 8.64
CA GLN A 179 8.01 20.50 8.47
C GLN A 179 9.01 19.38 8.29
N LEU A 180 9.80 19.45 7.22
CA LEU A 180 10.91 18.53 6.99
C LEU A 180 12.17 19.23 7.49
N ALA A 181 12.64 18.85 8.68
CA ALA A 181 13.66 19.64 9.35
C ALA A 181 15.05 19.42 8.77
N GLN A 182 15.29 18.23 8.20
CA GLN A 182 16.57 17.82 7.63
C GLN A 182 16.64 18.34 6.19
N ALA A 183 17.64 19.16 5.89
CA ALA A 183 17.79 19.64 4.52
C ALA A 183 18.02 18.47 3.57
N GLY A 184 17.37 18.53 2.41
CA GLY A 184 17.50 17.50 1.40
C GLY A 184 16.68 16.24 1.63
N MET A 185 15.94 16.14 2.72
CA MET A 185 15.12 14.96 2.95
C MET A 185 13.90 15.02 2.04
N GLN A 186 13.42 13.85 1.62
CA GLN A 186 12.34 13.76 0.64
C GLN A 186 11.37 12.67 1.07
N LEU A 187 10.10 13.04 1.19
CA LEU A 187 9.05 12.07 1.42
C LEU A 187 8.78 11.27 0.14
N ASP A 188 8.51 10.00 0.31
CA ASP A 188 8.01 9.10 -0.74
C ASP A 188 6.96 8.24 -0.06
N LEU A 189 5.71 8.36 -0.49
CA LEU A 189 4.61 7.62 0.11
C LEU A 189 4.21 6.42 -0.74
N GLY A 190 5.10 5.95 -1.60
CA GLY A 190 4.76 4.85 -2.50
C GLY A 190 4.41 3.57 -1.79
N ALA A 191 4.87 3.38 -0.56
CA ALA A 191 4.62 2.13 0.14
C ALA A 191 3.33 2.16 0.94
N ILE A 192 2.58 3.27 0.92
CA ILE A 192 1.36 3.37 1.71
C ILE A 192 0.24 4.09 0.96
N ALA A 193 0.57 4.80 -0.12
CA ALA A 193 -0.44 5.63 -0.77
C ALA A 193 -1.56 4.80 -1.39
N LYS A 194 -1.25 3.69 -2.06
CA LYS A 194 -2.33 2.90 -2.66
C LYS A 194 -3.27 2.36 -1.58
N GLY A 195 -2.73 1.96 -0.43
CA GLY A 195 -3.59 1.51 0.65
C GLY A 195 -4.47 2.62 1.15
N PHE A 196 -3.90 3.80 1.33
CA PHE A 196 -4.67 4.96 1.73
C PHE A 196 -5.79 5.26 0.74
N LEU A 197 -5.48 5.23 -0.55
CA LEU A 197 -6.50 5.55 -1.56
C LEU A 197 -7.57 4.47 -1.62
N ALA A 198 -7.20 3.21 -1.42
CA ALA A 198 -8.22 2.16 -1.39
C ALA A 198 -9.18 2.37 -0.23
N ASP A 199 -8.66 2.76 0.93
CA ASP A 199 -9.51 3.10 2.06
C ASP A 199 -10.42 4.29 1.74
N LYS A 200 -9.86 5.32 1.10
CA LYS A 200 -10.67 6.49 0.74
C LYS A 200 -11.78 6.11 -0.24
N ILE A 201 -11.48 5.21 -1.19
CA ILE A 201 -12.51 4.75 -2.13
C ILE A 201 -13.57 3.95 -1.40
N VAL A 202 -13.19 3.08 -0.47
CA VAL A 202 -14.19 2.34 0.30
C VAL A 202 -15.11 3.32 1.03
N GLN A 203 -14.54 4.36 1.63
CA GLN A 203 -15.35 5.36 2.31
C GLN A 203 -16.32 6.01 1.34
N LEU A 204 -15.85 6.36 0.15
CA LEU A 204 -16.70 6.98 -0.86
C LEU A 204 -17.80 6.04 -1.33
N LEU A 205 -17.46 4.77 -1.58
CA LEU A 205 -18.47 3.83 -2.01
C LEU A 205 -19.57 3.70 -0.96
N THR A 206 -19.17 3.57 0.31
CA THR A 206 -20.16 3.49 1.38
C THR A 206 -20.97 4.78 1.47
N ALA A 207 -20.37 5.93 1.17
CA ALA A 207 -21.13 7.18 1.18
C ALA A 207 -22.23 7.19 0.13
N HIS A 208 -22.03 6.44 -0.96
CA HIS A 208 -23.00 6.29 -2.03
C HIS A 208 -23.89 5.07 -1.84
N ALA A 209 -23.92 4.52 -0.62
CA ALA A 209 -24.81 3.42 -0.25
C ALA A 209 -24.48 2.14 -1.01
N LEU A 210 -23.20 1.97 -1.33
CA LEU A 210 -22.70 0.76 -1.97
C LEU A 210 -21.95 -0.06 -0.94
N ASP A 211 -22.29 -1.35 -0.84
CA ASP A 211 -21.76 -2.22 0.20
C ASP A 211 -21.17 -3.51 -0.36
N SER A 212 -20.99 -3.61 -1.66
CA SER A 212 -20.45 -4.80 -2.30
C SER A 212 -19.54 -4.35 -3.42
N ALA A 213 -18.23 -4.44 -3.23
CA ALA A 213 -17.31 -3.95 -4.24
C ALA A 213 -15.96 -4.63 -4.08
N LEU A 214 -15.21 -4.62 -5.18
CA LEU A 214 -13.83 -5.11 -5.22
C LEU A 214 -13.02 -3.97 -5.81
N VAL A 215 -12.16 -3.36 -4.99
CA VAL A 215 -11.29 -2.25 -5.37
C VAL A 215 -9.92 -2.83 -5.66
N ASP A 216 -9.36 -2.51 -6.83
CA ASP A 216 -8.07 -3.05 -7.24
C ASP A 216 -7.22 -1.89 -7.76
N LEU A 217 -6.30 -1.40 -6.92
CA LEU A 217 -5.41 -0.32 -7.33
C LEU A 217 -4.04 -0.94 -7.60
N GLY A 218 -3.77 -1.26 -8.86
CA GLY A 218 -2.50 -1.88 -9.19
C GLY A 218 -2.19 -3.09 -8.34
N GLY A 219 -3.19 -3.91 -8.06
CA GLY A 219 -3.01 -5.11 -7.28
C GLY A 219 -3.22 -4.93 -5.79
N ASN A 220 -3.41 -3.69 -5.34
CA ASN A 220 -3.71 -3.36 -3.95
C ASN A 220 -5.22 -3.46 -3.80
N ILE A 221 -5.70 -4.54 -3.16
CA ILE A 221 -7.09 -4.97 -3.21
C ILE A 221 -7.80 -4.56 -1.94
N PHE A 222 -9.04 -4.06 -2.07
CA PHE A 222 -9.97 -4.05 -0.96
C PHE A 222 -11.25 -4.78 -1.38
N ALA A 223 -11.62 -5.80 -0.60
CA ALA A 223 -12.83 -6.58 -0.78
C ALA A 223 -13.88 -6.04 0.19
N LEU A 224 -14.83 -5.28 -0.33
CA LEU A 224 -15.88 -4.65 0.45
C LEU A 224 -17.10 -5.55 0.47
N GLY A 225 -17.55 -5.92 1.67
CA GLY A 225 -18.73 -6.72 1.76
C GLY A 225 -18.57 -8.09 1.12
N LEU A 226 -19.69 -8.61 0.65
CA LEU A 226 -19.77 -9.91 0.00
C LEU A 226 -20.18 -9.70 -1.46
N LYS A 227 -19.73 -10.59 -2.33
CA LYS A 227 -20.19 -10.54 -3.71
C LYS A 227 -21.50 -11.32 -3.80
N TYR A 228 -22.02 -11.43 -5.02
CA TYR A 228 -23.22 -12.21 -5.30
C TYR A 228 -22.82 -13.41 -6.14
N GLY A 229 -23.54 -14.51 -5.93
CA GLY A 229 -23.41 -15.66 -6.80
C GLY A 229 -24.14 -15.44 -8.10
N ALA A 236 -28.70 -15.46 -6.09
CA ALA A 236 -29.06 -14.58 -4.98
C ALA A 236 -28.18 -14.86 -3.76
N GLN A 237 -27.28 -15.82 -3.88
CA GLN A 237 -26.41 -16.16 -2.77
C GLN A 237 -25.37 -15.06 -2.58
N ARG A 238 -24.98 -14.84 -1.32
CA ARG A 238 -23.93 -13.88 -0.98
C ARG A 238 -22.69 -14.67 -0.57
N LEU A 239 -21.56 -14.38 -1.22
CA LEU A 239 -20.34 -15.13 -1.03
C LEU A 239 -19.16 -14.21 -0.78
N GLU A 240 -18.15 -14.76 -0.13
CA GLU A 240 -16.90 -14.04 0.03
C GLU A 240 -16.23 -13.80 -1.32
N TRP A 241 -15.49 -12.71 -1.39
CA TRP A 241 -14.63 -12.44 -2.53
C TRP A 241 -13.44 -13.38 -2.50
N ASN A 242 -13.05 -13.89 -3.66
CA ASN A 242 -11.89 -14.78 -3.77
C ASN A 242 -10.74 -14.01 -4.40
N VAL A 243 -9.72 -13.70 -3.59
CA VAL A 243 -8.62 -12.87 -4.03
C VAL A 243 -7.41 -13.73 -4.34
N GLY A 244 -6.90 -13.64 -5.57
CA GLY A 244 -5.74 -14.41 -5.95
C GLY A 244 -4.45 -13.74 -5.52
N ILE A 245 -3.46 -14.57 -5.21
CA ILE A 245 -2.10 -14.17 -4.89
C ILE A 245 -1.19 -14.80 -5.94
N ARG A 246 -0.35 -13.99 -6.59
CA ARG A 246 0.41 -14.50 -7.71
C ARG A 246 1.62 -15.32 -7.28
N ASP A 247 2.01 -16.24 -8.15
CA ASP A 247 3.34 -16.84 -8.11
C ASP A 247 4.39 -15.72 -8.20
N PRO A 248 5.25 -15.57 -7.21
CA PRO A 248 6.23 -14.46 -7.26
C PRO A 248 7.05 -14.41 -8.53
N HIS A 249 7.29 -15.57 -9.15
CA HIS A 249 8.09 -15.66 -10.37
C HIS A 249 7.23 -15.88 -11.61
N GLY A 250 5.93 -15.68 -11.51
CA GLY A 250 5.04 -15.94 -12.64
C GLY A 250 5.10 -14.86 -13.68
N PRO A 255 -3.17 -16.96 -10.80
CA PRO A 255 -2.64 -16.93 -9.43
C PRO A 255 -2.19 -18.28 -8.88
N ALA A 256 -1.26 -18.25 -7.90
CA ALA A 256 -0.81 -19.47 -7.25
C ALA A 256 -1.78 -19.96 -6.18
N LEU A 257 -2.45 -19.03 -5.51
CA LEU A 257 -3.30 -19.29 -4.37
C LEU A 257 -4.49 -18.34 -4.47
N VAL A 258 -5.55 -18.66 -3.75
CA VAL A 258 -6.72 -17.81 -3.67
C VAL A 258 -7.19 -17.83 -2.22
N VAL A 259 -7.58 -16.66 -1.72
CA VAL A 259 -8.02 -16.50 -0.34
C VAL A 259 -9.40 -15.85 -0.34
N SER A 260 -10.34 -16.43 0.41
CA SER A 260 -11.69 -15.92 0.49
C SER A 260 -11.78 -14.92 1.62
N VAL A 261 -12.30 -13.72 1.33
CA VAL A 261 -12.32 -12.65 2.31
C VAL A 261 -13.58 -11.80 2.22
N ARG A 262 -13.87 -11.11 3.33
CA ARG A 262 -14.93 -10.12 3.42
C ARG A 262 -14.41 -8.91 4.18
N ASP A 263 -14.73 -7.71 3.69
CA ASP A 263 -14.43 -6.47 4.42
C ASP A 263 -12.98 -6.43 4.86
N CYS A 264 -12.09 -6.65 3.88
CA CYS A 264 -10.69 -6.93 4.13
C CYS A 264 -9.89 -6.40 2.95
N SER A 265 -8.76 -5.78 3.25
CA SER A 265 -7.77 -5.47 2.24
C SER A 265 -6.77 -6.62 2.15
N VAL A 266 -6.30 -6.89 0.94
CA VAL A 266 -5.24 -7.86 0.68
C VAL A 266 -4.17 -7.11 -0.11
N VAL A 267 -2.99 -6.94 0.48
CA VAL A 267 -1.91 -6.20 -0.15
C VAL A 267 -0.65 -7.02 -0.09
N THR A 268 0.02 -7.17 -1.23
CA THR A 268 1.21 -8.00 -1.36
C THR A 268 2.39 -7.13 -1.76
N SER A 269 3.52 -7.35 -1.10
CA SER A 269 4.80 -6.75 -1.47
C SER A 269 5.74 -7.88 -1.85
N GLY A 270 6.48 -7.70 -2.93
CA GLY A 270 7.40 -8.73 -3.35
C GLY A 270 8.51 -8.15 -4.17
N ALA A 271 9.59 -8.91 -4.31
CA ALA A 271 10.73 -8.41 -5.06
C ALA A 271 10.42 -8.29 -6.55
N TYR A 272 9.73 -9.28 -7.11
CA TYR A 272 9.57 -9.37 -8.55
C TYR A 272 8.43 -8.53 -9.07
N GLU A 273 7.89 -7.64 -8.24
CA GLU A 273 6.91 -6.67 -8.73
C GLU A 273 7.56 -5.65 -9.65
N ARG A 274 8.76 -5.18 -9.30
CA ARG A 274 9.41 -4.10 -10.03
C ARG A 274 10.90 -4.21 -9.80
N PHE A 275 11.67 -4.42 -10.86
CA PHE A 275 13.11 -4.56 -10.72
C PHE A 275 13.78 -4.24 -12.05
N PHE A 276 15.10 -4.09 -11.98
CA PHE A 276 15.95 -4.08 -13.16
C PHE A 276 17.13 -4.99 -12.88
N GLU A 277 17.84 -5.31 -13.95
CA GLU A 277 18.93 -6.28 -13.92
C GLU A 277 20.16 -5.61 -14.49
N ARG A 278 21.30 -5.89 -13.87
CA ARG A 278 22.57 -5.39 -14.38
C ARG A 278 23.63 -6.41 -14.01
N ASP A 279 24.37 -6.86 -15.02
CA ASP A 279 25.46 -7.80 -14.83
C ASP A 279 25.03 -8.99 -13.99
N GLY A 280 23.87 -9.54 -14.34
CA GLY A 280 23.39 -10.77 -13.76
C GLY A 280 22.75 -10.64 -12.39
N VAL A 281 22.65 -9.42 -11.86
CA VAL A 281 22.08 -9.19 -10.53
C VAL A 281 20.77 -8.44 -10.71
N ARG A 282 19.76 -8.87 -9.95
CA ARG A 282 18.45 -8.23 -9.96
C ARG A 282 18.34 -7.26 -8.78
N TYR A 283 17.87 -6.06 -9.06
CA TYR A 283 17.71 -5.01 -8.07
C TYR A 283 16.23 -4.62 -8.03
N HIS A 284 15.55 -4.99 -6.95
CA HIS A 284 14.12 -4.72 -6.85
C HIS A 284 13.88 -3.43 -6.06
N HIS A 285 12.61 -3.04 -6.01
CA HIS A 285 12.27 -1.68 -5.63
C HIS A 285 12.05 -1.47 -4.14
N ILE A 286 12.11 -2.51 -3.31
CA ILE A 286 11.90 -2.33 -1.87
C ILE A 286 13.27 -2.25 -1.21
N ILE A 287 13.58 -1.09 -0.66
CA ILE A 287 14.90 -0.78 -0.14
C ILE A 287 14.98 -1.13 1.34
N ASP A 288 16.11 -1.74 1.74
CA ASP A 288 16.44 -1.90 3.15
C ASP A 288 17.04 -0.58 3.62
N PRO A 289 16.38 0.17 4.51
CA PRO A 289 16.93 1.49 4.87
C PRO A 289 18.28 1.43 5.55
N VAL A 290 18.71 0.27 6.05
CA VAL A 290 20.02 0.20 6.70
C VAL A 290 21.14 0.16 5.68
N THR A 291 20.92 -0.56 4.58
CA THR A 291 21.95 -0.73 3.56
C THR A 291 21.84 0.27 2.42
N GLY A 292 20.64 0.82 2.19
CA GLY A 292 20.41 1.60 1.00
C GLY A 292 20.28 0.79 -0.26
N PHE A 293 20.27 -0.53 -0.16
CA PHE A 293 20.15 -1.46 -1.27
C PHE A 293 18.83 -2.22 -1.19
N PRO A 294 18.36 -2.78 -2.31
CA PRO A 294 17.18 -3.65 -2.25
C PRO A 294 17.35 -4.70 -1.17
N ALA A 295 16.28 -4.89 -0.40
CA ALA A 295 16.33 -5.74 0.78
C ALA A 295 16.63 -7.18 0.41
N HIS A 296 17.57 -7.77 1.15
CA HIS A 296 17.81 -9.21 1.13
C HIS A 296 16.91 -9.81 2.21
N THR A 297 16.02 -10.71 1.83
CA THR A 297 15.03 -11.23 2.76
C THR A 297 14.81 -12.70 2.42
N ASP A 298 14.19 -13.42 3.36
CA ASP A 298 14.00 -14.85 3.21
C ASP A 298 12.64 -15.22 2.64
N VAL A 299 11.85 -14.24 2.22
CA VAL A 299 10.55 -14.50 1.59
C VAL A 299 10.55 -13.90 0.20
N ASP A 300 9.78 -14.54 -0.69
CA ASP A 300 9.56 -13.99 -2.02
C ASP A 300 8.43 -12.98 -2.05
N SER A 301 7.41 -13.16 -1.21
CA SER A 301 6.34 -12.16 -1.07
C SER A 301 5.70 -12.27 0.29
N VAL A 302 5.15 -11.15 0.75
CA VAL A 302 4.33 -11.08 1.95
C VAL A 302 3.00 -10.45 1.54
N SER A 303 1.90 -11.10 1.92
CA SER A 303 0.57 -10.59 1.69
C SER A 303 -0.06 -10.31 3.05
N ILE A 304 -0.56 -9.09 3.25
CA ILE A 304 -1.17 -8.71 4.52
C ILE A 304 -2.67 -8.53 4.32
N PHE A 305 -3.43 -9.06 5.27
CA PHE A 305 -4.88 -9.03 5.29
C PHE A 305 -5.26 -8.14 6.47
N ALA A 306 -5.89 -6.99 6.21
CA ALA A 306 -6.20 -6.06 7.30
C ALA A 306 -7.50 -5.34 7.01
N PRO A 307 -8.24 -4.91 8.04
CA PRO A 307 -9.46 -4.13 7.80
C PRO A 307 -9.19 -2.76 7.18
N ARG A 308 -7.98 -2.23 7.29
CA ARG A 308 -7.60 -0.98 6.65
C ARG A 308 -6.50 -1.26 5.65
N SER A 309 -6.72 -0.88 4.38
CA SER A 309 -5.71 -1.06 3.35
C SER A 309 -4.47 -0.23 3.61
N THR A 310 -4.62 0.95 4.22
CA THR A 310 -3.46 1.74 4.61
C THR A 310 -2.50 0.88 5.43
N ASP A 311 -3.04 0.15 6.40
CA ASP A 311 -2.20 -0.65 7.29
C ASP A 311 -1.63 -1.87 6.57
N ALA A 312 -2.45 -2.50 5.72
CA ALA A 312 -1.96 -3.67 4.98
C ALA A 312 -0.78 -3.29 4.08
N ASP A 313 -0.90 -2.15 3.39
CA ASP A 313 0.16 -1.71 2.48
C ASP A 313 1.44 -1.41 3.26
N ALA A 314 1.34 -0.65 4.35
CA ALA A 314 2.55 -0.32 5.10
C ALA A 314 3.21 -1.57 5.66
N LEU A 315 2.41 -2.46 6.27
CA LEU A 315 2.95 -3.66 6.88
C LEU A 315 3.52 -4.62 5.84
N ALA A 316 2.94 -4.67 4.64
CA ALA A 316 3.48 -5.56 3.62
C ALA A 316 4.91 -5.18 3.30
N THR A 317 5.18 -3.87 3.19
CA THR A 317 6.53 -3.40 2.92
C THR A 317 7.46 -3.67 4.08
N ALA A 318 7.04 -3.30 5.29
CA ALA A 318 7.85 -3.54 6.48
C ALA A 318 8.20 -5.01 6.62
N CYS A 319 7.21 -5.88 6.48
CA CYS A 319 7.45 -7.31 6.66
C CYS A 319 8.39 -7.87 5.60
N PHE A 320 8.27 -7.39 4.36
CA PHE A 320 9.20 -7.85 3.34
C PHE A 320 10.64 -7.57 3.74
N VAL A 321 10.90 -6.34 4.21
CA VAL A 321 12.25 -5.97 4.63
C VAL A 321 12.69 -6.78 5.84
N LEU A 322 11.77 -6.98 6.78
CA LEU A 322 12.11 -7.63 8.04
C LEU A 322 12.41 -9.10 7.87
N GLY A 323 11.78 -9.76 6.91
CA GLY A 323 11.87 -11.20 6.80
C GLY A 323 10.88 -11.90 7.70
N TYR A 324 10.86 -13.22 7.60
CA TYR A 324 9.75 -13.98 8.17
C TYR A 324 9.72 -13.89 9.70
N GLU A 325 10.83 -14.21 10.36
CA GLU A 325 10.79 -14.33 11.82
C GLU A 325 10.50 -12.98 12.47
N LYS A 326 11.18 -11.92 12.03
CA LYS A 326 10.93 -10.60 12.61
C LYS A 326 9.55 -10.08 12.24
N SER A 327 9.03 -10.48 11.06
CA SER A 327 7.67 -10.08 10.69
C SER A 327 6.65 -10.67 11.66
N CYS A 328 6.81 -11.95 11.99
CA CYS A 328 5.88 -12.60 12.92
C CYS A 328 5.88 -11.88 14.26
N ALA A 329 7.06 -11.44 14.72
CA ALA A 329 7.14 -10.67 15.96
C ALA A 329 6.40 -9.35 15.84
N LEU A 330 6.67 -8.60 14.77
CA LEU A 330 5.96 -7.33 14.57
C LEU A 330 4.46 -7.56 14.52
N LEU A 331 4.02 -8.60 13.80
CA LEU A 331 2.60 -8.78 13.57
C LEU A 331 1.86 -9.16 14.85
N ARG A 332 2.58 -9.66 15.86
CA ARG A 332 1.95 -9.88 17.17
C ARG A 332 1.41 -8.58 17.74
N GLU A 333 1.98 -7.43 17.34
CA GLU A 333 1.52 -6.14 17.83
C GLU A 333 0.27 -5.64 17.10
N PHE A 334 -0.20 -6.38 16.10
CA PHE A 334 -1.35 -6.00 15.27
C PHE A 334 -2.27 -7.22 15.15
N PRO A 335 -2.93 -7.58 16.24
CA PRO A 335 -3.68 -8.86 16.24
C PRO A 335 -4.85 -8.90 15.30
N GLY A 336 -5.34 -7.76 14.84
CA GLY A 336 -6.41 -7.77 13.87
C GLY A 336 -5.97 -7.94 12.43
N VAL A 337 -4.71 -8.27 12.21
CA VAL A 337 -4.10 -8.39 10.89
C VAL A 337 -3.68 -9.84 10.70
N ASP A 338 -3.81 -10.33 9.49
CA ASP A 338 -3.28 -11.64 9.12
C ASP A 338 -2.27 -11.50 8.01
N ALA A 339 -1.50 -12.55 7.79
CA ALA A 339 -0.38 -12.49 6.87
C ALA A 339 -0.20 -13.84 6.19
N LEU A 340 0.28 -13.80 4.96
CA LEU A 340 0.61 -14.98 4.18
C LEU A 340 1.97 -14.76 3.54
N PHE A 341 2.89 -15.68 3.79
CA PHE A 341 4.27 -15.58 3.32
C PHE A 341 4.48 -16.66 2.26
N ILE A 342 5.04 -16.28 1.11
CA ILE A 342 5.46 -17.25 0.10
C ILE A 342 6.99 -17.27 0.11
N PHE A 343 7.56 -18.44 0.31
CA PHE A 343 9.01 -18.61 0.40
C PHE A 343 9.59 -19.02 -0.94
N PRO A 344 10.89 -18.81 -1.13
CA PRO A 344 11.52 -19.18 -2.40
C PRO A 344 11.40 -20.66 -2.73
N ASP A 345 11.21 -21.53 -1.73
CA ASP A 345 11.06 -22.96 -1.98
C ASP A 345 9.60 -23.35 -2.18
N LYS A 346 8.72 -22.36 -2.35
CA LYS A 346 7.30 -22.49 -2.67
C LYS A 346 6.50 -23.02 -1.50
N ARG A 347 7.07 -23.08 -0.30
CA ARG A 347 6.24 -23.25 0.88
C ARG A 347 5.48 -21.95 1.16
N VAL A 348 4.28 -22.10 1.72
CA VAL A 348 3.41 -20.98 2.06
C VAL A 348 3.02 -21.14 3.52
N ARG A 349 3.19 -20.06 4.29
CA ARG A 349 2.77 -20.03 5.69
C ARG A 349 1.78 -18.89 5.85
N ALA A 350 0.66 -19.18 6.51
CA ALA A 350 -0.40 -18.20 6.71
C ALA A 350 -0.82 -18.20 8.16
N SER A 351 -1.20 -17.02 8.65
CA SER A 351 -1.53 -16.92 10.06
C SER A 351 -2.91 -17.52 10.32
N ALA A 352 -3.21 -17.73 11.60
CA ALA A 352 -4.34 -18.55 11.99
C ALA A 352 -5.66 -17.95 11.51
N GLY A 353 -5.74 -16.64 11.40
CA GLY A 353 -6.99 -16.01 11.03
C GLY A 353 -7.38 -16.18 9.59
N ILE A 354 -6.48 -16.60 8.72
CA ILE A 354 -6.78 -16.73 7.29
C ILE A 354 -6.44 -18.09 6.73
N VAL A 355 -5.64 -18.92 7.41
CA VAL A 355 -5.07 -20.10 6.76
C VAL A 355 -6.17 -21.04 6.27
N ASP A 356 -7.29 -21.14 7.00
CA ASP A 356 -8.38 -21.99 6.58
C ASP A 356 -9.13 -21.43 5.37
N ARG A 357 -8.85 -20.19 4.96
CA ARG A 357 -9.48 -19.59 3.80
C ARG A 357 -8.60 -19.59 2.57
N VAL A 358 -7.44 -20.26 2.65
CA VAL A 358 -6.47 -20.30 1.57
C VAL A 358 -6.66 -21.58 0.77
N ARG A 359 -6.71 -21.44 -0.55
CA ARG A 359 -6.75 -22.59 -1.46
C ARG A 359 -5.59 -22.48 -2.44
N VAL A 360 -4.82 -23.57 -2.54
CA VAL A 360 -3.70 -23.62 -3.48
C VAL A 360 -4.23 -23.98 -4.86
N LEU A 361 -3.92 -23.15 -5.86
CA LEU A 361 -4.32 -23.44 -7.23
C LEU A 361 -3.20 -24.02 -8.07
N ASP A 362 -1.96 -23.60 -7.80
CA ASP A 362 -0.76 -24.10 -8.45
C ASP A 362 -0.11 -25.10 -7.51
N ALA A 363 -0.21 -26.39 -7.87
CA ALA A 363 0.17 -27.47 -6.98
C ALA A 363 1.67 -27.53 -6.72
N ARG A 364 2.48 -26.72 -7.41
CA ARG A 364 3.88 -26.62 -7.04
C ARG A 364 4.05 -25.98 -5.68
N PHE A 365 3.07 -25.21 -5.22
CA PHE A 365 3.14 -24.59 -3.91
C PHE A 365 2.48 -25.48 -2.86
N VAL A 366 3.01 -25.41 -1.64
CA VAL A 366 2.51 -26.19 -0.52
C VAL A 366 2.14 -25.25 0.61
N LEU A 367 0.89 -25.35 1.07
CA LEU A 367 0.40 -24.60 2.21
C LEU A 367 0.70 -25.42 3.48
N GLU A 368 1.61 -24.91 4.31
CA GLU A 368 1.87 -25.54 5.61
C GLU A 368 0.71 -25.23 6.54
N ARG A 369 0.32 -26.21 7.33
CA ARG A 369 -0.85 -26.05 8.19
C ARG A 369 -0.46 -26.10 9.64
MG MG B . 3.43 -1.07 1.03
MG MG C . 2.04 -1.27 -1.92
C1' ZD4 D . 9.16 3.11 -1.72
C2 ZD4 D . 8.98 2.72 2.59
C2' ZD4 D . 9.47 3.07 -3.17
C3' ZD4 D . 8.91 1.81 -3.71
C4 ZD4 D . 9.74 2.36 0.48
C4' ZD4 D . 7.64 1.64 -2.91
C5 ZD4 D . 10.71 1.44 1.02
C5' ZD4 D . 7.33 0.21 -2.58
C6 ZD4 D . 10.72 1.25 2.40
C8 ZD4 D . 10.93 1.54 -1.22
N1 ZD4 D . 9.84 1.90 3.15
N3 ZD4 D . 8.94 2.97 1.32
N6 ZD4 D . 11.65 0.33 2.99
N7 ZD4 D . 11.46 0.95 -0.13
N9 ZD4 D . 9.97 2.35 -0.83
O1A ZD4 D . 4.01 -1.04 -1.22
O1B ZD4 D . 4.01 -2.86 -5.29
O2' ZD4 D . 8.76 4.15 -3.83
O2A ZD4 D . 6.15 -2.19 -1.06
O2B ZD4 D . 4.56 -0.56 -5.33
O3' ZD4 D . 8.63 1.90 -5.10
O3A ZD4 D . 5.21 -1.94 -3.32
O3B ZD4 D . 2.78 -1.28 -3.92
O4' ZD4 D . 7.82 2.45 -1.67
O5' ZD4 D . 6.03 0.18 -2.03
PA ZD4 D . 5.32 -1.28 -1.84
PB ZD4 D . 4.09 -1.66 -4.47
CL6 ZD4 D . 7.82 3.61 3.58
H1' ZD4 D . 9.27 4.04 -1.45
H2' ZD4 D . 10.43 3.13 -3.31
H3' ZD4 D . 9.53 1.07 -3.59
H4' ZD4 D . 6.89 1.94 -3.44
H5'2 ZD4 D . 7.36 -0.33 -3.38
H5'1 ZD4 D . 7.97 -0.12 -1.94
H8 ZD4 D . 11.20 1.40 -2.10
HN61 ZD4 D . 11.41 -0.49 3.13
HN62 ZD4 D . 12.44 0.58 3.19
HO2' ZD4 D . 9.22 4.87 -3.79
C1 EDO E . 0.30 6.30 -5.51
O1 EDO E . 1.53 5.60 -5.29
C2 EDO E . 0.55 7.80 -5.58
O2 EDO E . 1.80 8.03 -6.24
H11 EDO E . -0.40 6.07 -4.70
H12 EDO E . -0.15 5.96 -6.45
HO1 EDO E . 1.36 4.64 -5.26
H21 EDO E . 0.57 8.22 -4.57
H22 EDO E . -0.26 8.28 -6.13
HO2 EDO E . 1.78 8.89 -6.68
#